data_6GKO
#
_entry.id   6GKO
#
_cell.length_a   160.701
_cell.length_b   87.441
_cell.length_c   68.515
_cell.angle_alpha   90.00
_cell.angle_beta   96.02
_cell.angle_gamma   90.00
#
_symmetry.space_group_name_H-M   'C 1 2 1'
#
loop_
_entity.id
_entity.type
_entity.pdbx_description
1 polymer 'Thymidylate synthase'
2 non-polymer "2'-DEOXYURIDINE 5'-MONOPHOSPHATE"
3 non-polymer 3,3-bis(4-hydroxyphenyl)-2-benzofuran-1-one
4 non-polymer 'DIMETHYL SULFOXIDE'
5 water water
#
_entity_poly.entity_id   1
_entity_poly.type   'polypeptide(L)'
_entity_poly.pdbx_seq_one_letter_code
;MLVVGSELQSDAQQLSAEAPRHGELQYLRQVEHILRCGFKKEDRTGTGTLSVFGMQARYSLRDEFPLLTTKRVFWKGVLE
ELLWFIKGSTNAKELSSKGVRIWDANGSRDFLDSLGFSARQEGDLGPVYGFQWRHFGAEYKDMDSDYSGQGVDQLQKVID
TIKTNPDDRRIIMCAWNPKDLPLMALPPCHALCQFYVVNGELSCQLYQRSGDMGLGVPFNIASYALLTYMIAHITGLQPG
DFVHTLGDAHIYLNHIEPLKIQLQREPRPFPKLKILRKVETIDDFKVEDFQIEGYNPHPTIKMEMAV
;
_entity_poly.pdbx_strand_id   A,B
#
# COMPACT_ATOMS: atom_id res chain seq x y z
N ARG A 21 -13.52 -24.01 -4.86
CA ARG A 21 -13.23 -23.63 -3.48
C ARG A 21 -13.82 -22.25 -3.14
N HIS A 22 -14.57 -22.19 -2.04
CA HIS A 22 -15.26 -20.97 -1.63
C HIS A 22 -14.27 -19.87 -1.24
N GLY A 23 -14.50 -18.65 -1.73
CA GLY A 23 -13.57 -17.56 -1.46
C GLY A 23 -13.44 -17.23 0.02
N GLU A 24 -14.49 -17.47 0.80
CA GLU A 24 -14.44 -17.17 2.23
C GLU A 24 -13.40 -18.02 2.95
N LEU A 25 -13.03 -19.17 2.39
CA LEU A 25 -12.06 -20.01 3.08
C LEU A 25 -10.71 -19.31 3.23
N GLN A 26 -10.40 -18.37 2.34
CA GLN A 26 -9.15 -17.63 2.49
C GLN A 26 -9.15 -16.80 3.76
N TYR A 27 -10.30 -16.16 4.04
CA TYR A 27 -10.42 -15.40 5.27
C TYR A 27 -10.34 -16.33 6.48
N LEU A 28 -11.05 -17.45 6.44
CA LEU A 28 -10.99 -18.40 7.53
C LEU A 28 -9.57 -18.93 7.73
N ARG A 29 -8.85 -19.16 6.62
CA ARG A 29 -7.46 -19.63 6.73
C ARG A 29 -6.58 -18.55 7.37
N GLN A 30 -6.83 -17.28 7.06
CA GLN A 30 -6.07 -16.21 7.71
C GLN A 30 -6.32 -16.18 9.21
N VAL A 31 -7.59 -16.25 9.61
CA VAL A 31 -7.93 -16.29 11.04
C VAL A 31 -7.22 -17.46 11.71
N GLU A 32 -7.29 -18.65 11.10
N GLU A 32 -7.33 -18.65 11.10
CA GLU A 32 -6.66 -19.81 11.72
CA GLU A 32 -6.67 -19.84 11.61
C GLU A 32 -5.13 -19.64 11.77
C GLU A 32 -5.17 -19.63 11.76
N HIS A 33 -4.54 -19.07 10.73
CA HIS A 33 -3.10 -18.82 10.76
C HIS A 33 -2.72 -17.89 11.92
N ILE A 34 -3.51 -16.85 12.18
CA ILE A 34 -3.19 -15.94 13.28
C ILE A 34 -3.33 -16.66 14.61
N LEU A 35 -4.41 -17.43 14.79
CA LEU A 35 -4.61 -18.16 16.05
C LEU A 35 -3.52 -19.19 16.32
N ARG A 36 -2.93 -19.77 15.27
CA ARG A 36 -1.89 -20.77 15.39
C ARG A 36 -0.47 -20.20 15.41
N CYS A 37 -0.18 -19.17 14.61
CA CYS A 37 1.18 -18.67 14.47
C CYS A 37 1.34 -17.20 14.82
N GLY A 38 0.26 -16.47 15.10
CA GLY A 38 0.41 -15.07 15.47
C GLY A 38 1.12 -14.93 16.81
N PHE A 39 1.72 -13.77 17.01
CA PHE A 39 2.37 -13.48 18.27
C PHE A 39 1.51 -12.56 19.11
N LYS A 40 1.59 -12.74 20.43
CA LYS A 40 1.00 -11.77 21.33
C LYS A 40 1.59 -10.40 21.05
N LYS A 41 0.73 -9.40 20.91
CA LYS A 41 1.20 -8.06 20.66
C LYS A 41 0.27 -7.09 21.37
N GLU A 42 0.85 -6.26 22.24
CA GLU A 42 0.12 -5.19 22.89
C GLU A 42 -0.36 -4.19 21.84
N ASP A 43 -1.41 -3.44 22.17
CA ASP A 43 -1.94 -2.51 21.18
C ASP A 43 -2.52 -1.28 21.87
N ARG A 44 -2.82 -0.28 21.02
CA ARG A 44 -3.30 1.02 21.47
C ARG A 44 -4.51 0.93 22.39
N THR A 45 -5.46 0.05 22.08
CA THR A 45 -6.71 -0.01 22.85
C THR A 45 -6.54 -0.66 24.21
N GLY A 46 -5.39 -1.23 24.50
CA GLY A 46 -5.19 -1.98 25.73
C GLY A 46 -5.82 -3.36 25.76
N THR A 47 -6.51 -3.77 24.68
CA THR A 47 -7.13 -5.09 24.69
C THR A 47 -6.11 -6.21 24.52
N GLY A 48 -5.06 -5.97 23.75
CA GLY A 48 -4.09 -6.99 23.38
C GLY A 48 -4.56 -7.81 22.20
N THR A 49 -3.60 -8.31 21.42
CA THR A 49 -3.92 -9.04 20.21
C THR A 49 -2.98 -10.24 20.04
N LEU A 50 -3.41 -11.16 19.20
CA LEU A 50 -2.54 -12.05 18.46
C LEU A 50 -2.37 -11.45 17.05
N SER A 51 -1.15 -11.40 16.55
CA SER A 51 -0.87 -10.56 15.37
C SER A 51 0.10 -11.24 14.41
N VAL A 52 -0.14 -11.03 13.11
CA VAL A 52 0.78 -11.40 12.03
C VAL A 52 0.96 -10.16 11.15
N PHE A 53 2.18 -9.91 10.71
CA PHE A 53 2.46 -8.75 9.86
C PHE A 53 2.61 -9.24 8.42
N GLY A 54 1.73 -8.75 7.53
CA GLY A 54 1.83 -9.11 6.13
C GLY A 54 0.96 -10.29 5.76
N MET A 55 -0.23 -10.05 5.21
CA MET A 55 -1.08 -11.13 4.70
C MET A 55 -1.73 -10.65 3.42
N GLN A 56 -2.20 -11.61 2.61
CA GLN A 56 -2.83 -11.27 1.34
C GLN A 56 -3.87 -12.32 1.00
N ALA A 57 -5.05 -11.87 0.56
CA ALA A 57 -6.11 -12.76 0.08
C ALA A 57 -6.66 -12.20 -1.22
N ARG A 58 -7.25 -13.09 -2.04
CA ARG A 58 -7.82 -12.71 -3.33
C ARG A 58 -9.27 -13.19 -3.34
N TYR A 59 -10.21 -12.26 -3.52
CA TYR A 59 -11.64 -12.55 -3.53
C TYR A 59 -12.16 -12.31 -4.95
N SER A 60 -12.64 -13.36 -5.59
CA SER A 60 -13.21 -13.20 -6.91
C SER A 60 -14.49 -12.38 -6.83
N LEU A 61 -14.67 -11.47 -7.79
CA LEU A 61 -15.88 -10.67 -7.92
C LEU A 61 -16.72 -11.12 -9.11
N ARG A 62 -16.35 -12.23 -9.75
CA ARG A 62 -16.97 -12.67 -11.01
C ARG A 62 -18.25 -13.43 -10.71
N ASP A 63 -19.39 -12.79 -10.98
CA ASP A 63 -20.71 -13.35 -10.80
C ASP A 63 -21.01 -13.73 -9.35
N GLU A 64 -20.36 -13.07 -8.39
CA GLU A 64 -20.69 -13.21 -6.99
C GLU A 64 -20.05 -12.07 -6.24
N PHE A 65 -20.49 -11.88 -5.00
CA PHE A 65 -20.05 -10.75 -4.21
C PHE A 65 -19.57 -11.26 -2.85
N PRO A 66 -18.33 -10.94 -2.44
CA PRO A 66 -17.77 -11.55 -1.21
C PRO A 66 -18.23 -10.90 0.09
N LEU A 67 -19.53 -11.06 0.38
CA LEU A 67 -20.11 -10.66 1.65
C LEU A 67 -20.10 -11.88 2.56
N LEU A 68 -19.28 -11.85 3.61
CA LEU A 68 -18.96 -13.06 4.36
C LEU A 68 -20.21 -13.66 5.00
N THR A 69 -20.24 -15.00 5.04
CA THR A 69 -21.42 -15.75 5.47
C THR A 69 -21.25 -16.45 6.81
N THR A 70 -20.02 -16.65 7.30
CA THR A 70 -19.89 -17.32 8.60
C THR A 70 -20.19 -16.39 9.76
N LYS A 71 -20.36 -15.10 9.48
CA LYS A 71 -20.84 -14.12 10.44
C LYS A 71 -21.42 -12.97 9.63
N ARG A 72 -22.62 -12.50 10.00
CA ARG A 72 -23.28 -11.45 9.24
C ARG A 72 -22.44 -10.18 9.22
N VAL A 73 -22.40 -9.54 8.05
CA VAL A 73 -21.73 -8.26 7.82
C VAL A 73 -22.81 -7.19 7.67
N PHE A 74 -22.58 -6.03 8.29
CA PHE A 74 -23.52 -4.90 8.32
C PHE A 74 -23.56 -4.21 6.95
N TRP A 75 -24.25 -4.86 6.00
CA TRP A 75 -24.26 -4.39 4.62
C TRP A 75 -24.79 -2.96 4.48
N LYS A 76 -25.87 -2.62 5.19
CA LYS A 76 -26.39 -1.26 5.09
C LYS A 76 -25.31 -0.25 5.46
N GLY A 77 -24.50 -0.56 6.48
CA GLY A 77 -23.42 0.33 6.85
C GLY A 77 -22.34 0.40 5.79
N VAL A 78 -22.01 -0.74 5.18
CA VAL A 78 -21.03 -0.77 4.08
C VAL A 78 -21.45 0.20 2.97
N LEU A 79 -22.70 0.07 2.53
CA LEU A 79 -23.17 0.83 1.37
C LEU A 79 -23.28 2.32 1.70
N GLU A 80 -23.90 2.65 2.83
CA GLU A 80 -24.06 4.05 3.20
C GLU A 80 -22.70 4.70 3.43
N GLU A 81 -21.79 4.02 4.14
CA GLU A 81 -20.46 4.59 4.34
C GLU A 81 -19.79 4.90 3.01
N LEU A 82 -19.86 3.97 2.05
CA LEU A 82 -19.16 4.20 0.79
C LEU A 82 -19.77 5.37 0.02
N LEU A 83 -21.11 5.50 0.03
CA LEU A 83 -21.74 6.63 -0.65
C LEU A 83 -21.35 7.95 0.00
N TRP A 84 -21.24 7.94 1.33
CA TRP A 84 -20.75 9.06 2.11
C TRP A 84 -19.29 9.43 1.76
N PHE A 85 -18.41 8.43 1.62
CA PHE A 85 -17.07 8.69 1.11
C PHE A 85 -17.12 9.41 -0.24
N ILE A 86 -17.96 8.90 -1.14
CA ILE A 86 -17.95 9.35 -2.53
C ILE A 86 -18.37 10.81 -2.63
N LYS A 87 -19.33 11.24 -1.83
CA LYS A 87 -19.67 12.66 -1.88
C LYS A 87 -18.69 13.53 -1.11
N GLY A 88 -17.61 12.96 -0.59
CA GLY A 88 -16.57 13.74 0.04
C GLY A 88 -16.88 14.27 1.40
N SER A 89 -17.86 13.69 2.09
CA SER A 89 -18.30 14.25 3.36
C SER A 89 -17.32 13.91 4.47
N THR A 90 -17.19 14.84 5.41
CA THR A 90 -16.42 14.64 6.63
C THR A 90 -17.27 14.86 7.87
N ASN A 91 -18.58 14.83 7.71
CA ASN A 91 -19.54 15.04 8.78
C ASN A 91 -20.12 13.70 9.20
N ALA A 92 -19.80 13.25 10.41
CA ALA A 92 -20.36 12.01 10.93
C ALA A 92 -21.89 12.06 10.93
N LYS A 93 -22.47 13.24 11.13
CA LYS A 93 -23.93 13.34 11.24
C LYS A 93 -24.59 13.04 9.90
N GLU A 94 -23.89 13.34 8.80
CA GLU A 94 -24.45 13.06 7.48
C GLU A 94 -24.56 11.56 7.23
N LEU A 95 -23.66 10.76 7.82
CA LEU A 95 -23.78 9.31 7.73
C LEU A 95 -24.79 8.79 8.75
N SER A 96 -24.70 9.30 9.99
CA SER A 96 -25.63 8.91 11.05
C SER A 96 -27.09 9.08 10.63
N SER A 97 -27.36 10.14 9.86
CA SER A 97 -28.74 10.43 9.48
C SER A 97 -29.30 9.37 8.53
N LYS A 98 -28.45 8.53 7.94
CA LYS A 98 -28.93 7.40 7.15
C LYS A 98 -29.17 6.15 7.98
N GLY A 99 -29.00 6.21 9.30
CA GLY A 99 -29.14 5.05 10.15
C GLY A 99 -27.84 4.29 10.41
N VAL A 100 -26.70 4.88 10.09
CA VAL A 100 -25.39 4.21 10.20
C VAL A 100 -24.54 5.06 11.11
N ARG A 101 -24.26 4.55 12.32
CA ARG A 101 -23.68 5.35 13.38
C ARG A 101 -22.21 5.02 13.64
N ILE A 102 -21.56 4.30 12.72
CA ILE A 102 -20.21 3.77 12.97
C ILE A 102 -19.18 4.86 13.21
N TRP A 103 -19.38 6.06 12.67
CA TRP A 103 -18.42 7.15 12.86
C TRP A 103 -18.80 8.12 13.97
N ASP A 104 -19.93 7.91 14.65
CA ASP A 104 -20.46 8.91 15.57
C ASP A 104 -19.55 9.15 16.76
N ALA A 105 -19.00 8.09 17.36
CA ALA A 105 -18.13 8.28 18.52
C ALA A 105 -16.90 9.12 18.20
N ASN A 106 -16.36 9.00 16.99
CA ASN A 106 -15.17 9.75 16.60
C ASN A 106 -15.47 11.21 16.26
N GLY A 107 -16.75 11.58 16.14
CA GLY A 107 -17.12 12.97 16.00
C GLY A 107 -17.80 13.58 17.21
N SER A 108 -17.80 12.88 18.35
CA SER A 108 -18.48 13.37 19.54
C SER A 108 -17.74 14.56 20.13
N ARG A 109 -18.47 15.34 20.94
CA ARG A 109 -17.90 16.52 21.57
C ARG A 109 -16.68 16.13 22.42
N ASP A 110 -16.80 15.07 23.21
CA ASP A 110 -15.72 14.70 24.13
C ASP A 110 -14.51 14.16 23.39
N PHE A 111 -14.73 13.39 22.31
CA PHE A 111 -13.60 12.87 21.55
C PHE A 111 -12.88 13.99 20.82
N LEU A 112 -13.63 14.85 20.13
CA LEU A 112 -13.02 15.99 19.44
C LEU A 112 -12.27 16.90 20.40
N ASP A 113 -12.77 17.03 21.64
CA ASP A 113 -12.08 17.87 22.62
C ASP A 113 -10.80 17.19 23.12
N SER A 114 -10.83 15.86 23.26
CA SER A 114 -9.62 15.16 23.67
C SER A 114 -8.49 15.36 22.66
N LEU A 115 -8.82 15.58 21.39
CA LEU A 115 -7.83 15.83 20.35
C LEU A 115 -7.55 17.31 20.16
N GLY A 116 -8.20 18.18 20.93
CA GLY A 116 -7.96 19.61 20.81
C GLY A 116 -8.74 20.32 19.73
N PHE A 117 -9.79 19.73 19.19
CA PHE A 117 -10.63 20.40 18.18
C PHE A 117 -11.88 21.01 18.81
N SER A 118 -11.71 21.79 19.88
CA SER A 118 -12.86 22.36 20.56
C SER A 118 -13.63 23.32 19.66
N ALA A 119 -12.96 23.94 18.70
CA ALA A 119 -13.62 24.85 17.78
C ALA A 119 -14.44 24.13 16.71
N ARG A 120 -14.39 22.80 16.66
CA ARG A 120 -15.15 22.05 15.68
C ARG A 120 -16.56 21.80 16.19
N GLN A 121 -17.53 21.87 15.28
CA GLN A 121 -18.87 21.40 15.59
C GLN A 121 -18.86 19.89 15.77
N GLU A 122 -19.86 19.39 16.50
CA GLU A 122 -19.97 17.95 16.72
C GLU A 122 -20.18 17.26 15.39
N GLY A 123 -19.44 16.17 15.16
CA GLY A 123 -19.49 15.45 13.90
C GLY A 123 -18.36 15.76 12.94
N ASP A 124 -17.56 16.78 13.19
CA ASP A 124 -16.52 17.19 12.25
C ASP A 124 -15.30 16.28 12.43
N LEU A 125 -15.12 15.35 11.49
CA LEU A 125 -14.05 14.36 11.60
C LEU A 125 -12.70 14.87 11.11
N GLY A 126 -12.65 16.04 10.48
CA GLY A 126 -11.45 16.48 9.83
C GLY A 126 -11.33 15.85 8.45
N PRO A 127 -10.18 16.02 7.80
CA PRO A 127 -10.06 15.62 6.39
C PRO A 127 -9.77 14.12 6.24
N VAL A 128 -10.76 13.30 6.59
CA VAL A 128 -10.65 11.84 6.48
C VAL A 128 -10.99 11.40 5.06
N TYR A 129 -11.26 10.10 4.89
CA TYR A 129 -11.23 9.44 3.60
C TYR A 129 -11.87 10.25 2.47
N GLY A 130 -13.15 10.60 2.63
CA GLY A 130 -13.88 11.19 1.51
C GLY A 130 -13.24 12.48 1.03
N PHE A 131 -12.73 13.29 1.96
CA PHE A 131 -12.02 14.51 1.61
C PHE A 131 -10.75 14.20 0.83
N GLN A 132 -9.94 13.25 1.32
CA GLN A 132 -8.73 12.87 0.60
C GLN A 132 -9.06 12.30 -0.78
N TRP A 133 -10.11 11.48 -0.88
CA TRP A 133 -10.48 10.89 -2.16
C TRP A 133 -10.88 11.95 -3.18
N ARG A 134 -11.60 12.98 -2.75
CA ARG A 134 -12.17 13.94 -3.68
C ARG A 134 -11.40 15.26 -3.77
N HIS A 135 -10.60 15.61 -2.75
CA HIS A 135 -9.97 16.93 -2.65
C HIS A 135 -8.56 16.84 -2.08
N PHE A 136 -7.78 15.80 -2.46
CA PHE A 136 -6.46 15.65 -1.86
C PHE A 136 -5.62 16.92 -2.04
N GLY A 137 -5.07 17.40 -0.94
CA GLY A 137 -4.19 18.55 -0.96
C GLY A 137 -4.86 19.89 -0.71
N ALA A 138 -6.18 19.96 -0.86
CA ALA A 138 -6.89 21.20 -0.54
C ALA A 138 -6.78 21.50 0.94
N GLU A 139 -6.97 22.78 1.29
CA GLU A 139 -6.88 23.21 2.69
C GLU A 139 -8.19 22.94 3.40
N TYR A 140 -8.05 22.21 4.50
CA TYR A 140 -9.14 21.79 5.37
C TYR A 140 -9.48 22.88 6.37
N LYS A 141 -10.70 23.43 6.19
CA LYS A 141 -11.34 24.46 7.06
C LYS A 141 -12.32 23.78 8.02
N ASP A 142 -13.57 23.50 7.64
CA ASP A 142 -14.41 22.63 8.48
C ASP A 142 -15.29 21.80 7.57
N MET A 143 -16.14 20.98 8.20
CA MET A 143 -16.94 20.02 7.45
C MET A 143 -18.04 20.68 6.62
N ASP A 144 -18.42 21.91 6.95
CA ASP A 144 -19.50 22.59 6.23
C ASP A 144 -18.99 23.46 5.09
N SER A 145 -17.68 23.59 4.93
CA SER A 145 -17.13 24.41 3.86
C SER A 145 -17.42 23.80 2.50
N ASP A 146 -17.30 24.65 1.47
CA ASP A 146 -17.47 24.25 0.08
C ASP A 146 -16.09 23.99 -0.52
N TYR A 147 -15.84 22.74 -0.92
CA TYR A 147 -14.56 22.36 -1.49
C TYR A 147 -14.65 22.01 -2.96
N SER A 148 -15.75 22.40 -3.62
CA SER A 148 -15.94 22.13 -5.05
C SER A 148 -14.72 22.57 -5.86
N GLY A 149 -14.20 21.64 -6.66
CA GLY A 149 -13.05 21.91 -7.51
C GLY A 149 -11.73 22.11 -6.81
N GLN A 150 -11.66 21.97 -5.48
CA GLN A 150 -10.40 22.12 -4.75
C GLN A 150 -9.69 20.78 -4.61
N GLY A 151 -8.37 20.80 -4.72
CA GLY A 151 -7.57 19.61 -4.53
C GLY A 151 -7.72 18.62 -5.67
N VAL A 152 -7.08 17.46 -5.51
CA VAL A 152 -7.03 16.44 -6.54
C VAL A 152 -8.21 15.50 -6.33
N ASP A 153 -9.07 15.37 -7.35
CA ASP A 153 -10.18 14.40 -7.32
C ASP A 153 -9.62 13.05 -7.77
N GLN A 154 -9.04 12.34 -6.79
CA GLN A 154 -8.44 11.05 -7.09
C GLN A 154 -9.45 10.06 -7.64
N LEU A 155 -10.67 10.09 -7.10
CA LEU A 155 -11.69 9.13 -7.52
C LEU A 155 -12.05 9.32 -8.99
N GLN A 156 -12.28 10.57 -9.41
CA GLN A 156 -12.59 10.79 -10.83
C GLN A 156 -11.37 10.52 -11.71
N LYS A 157 -10.17 10.81 -11.21
CA LYS A 157 -8.97 10.52 -11.97
C LYS A 157 -8.83 9.02 -12.24
N VAL A 158 -9.08 8.20 -11.22
CA VAL A 158 -9.05 6.75 -11.40
C VAL A 158 -10.04 6.33 -12.47
N ILE A 159 -11.27 6.84 -12.38
CA ILE A 159 -12.30 6.46 -13.36
C ILE A 159 -11.90 6.88 -14.77
N ASP A 160 -11.41 8.12 -14.92
CA ASP A 160 -11.00 8.59 -16.25
C ASP A 160 -9.87 7.73 -16.82
N THR A 161 -8.88 7.39 -15.98
CA THR A 161 -7.75 6.59 -16.47
C THR A 161 -8.19 5.19 -16.87
N ILE A 162 -9.09 4.57 -16.11
CA ILE A 162 -9.59 3.25 -16.48
C ILE A 162 -10.21 3.28 -17.87
N LYS A 163 -10.93 4.36 -18.18
CA LYS A 163 -11.59 4.49 -19.48
C LYS A 163 -10.58 4.72 -20.61
N THR A 164 -9.63 5.63 -20.42
CA THR A 164 -8.77 6.03 -21.53
C THR A 164 -7.47 5.26 -21.64
N ASN A 165 -6.95 4.72 -20.54
CA ASN A 165 -5.67 4.01 -20.55
C ASN A 165 -5.73 2.86 -19.55
N PRO A 166 -6.55 1.84 -19.84
CA PRO A 166 -6.75 0.75 -18.85
C PRO A 166 -5.47 -0.03 -18.53
N ASP A 167 -4.44 0.03 -19.38
CA ASP A 167 -3.19 -0.64 -19.07
C ASP A 167 -2.37 0.09 -18.01
N ASP A 168 -2.77 1.30 -17.62
CA ASP A 168 -1.95 2.13 -16.75
C ASP A 168 -1.63 1.41 -15.44
N ARG A 169 -0.37 1.45 -15.01
CA ARG A 169 0.05 0.77 -13.79
C ARG A 169 0.17 1.73 -12.60
N ARG A 170 -0.45 2.89 -12.71
CA ARG A 170 -0.42 3.88 -11.63
C ARG A 170 -1.82 4.37 -11.29
N ILE A 171 -2.82 3.50 -11.41
CA ILE A 171 -4.19 3.90 -11.10
C ILE A 171 -4.43 3.77 -9.60
N ILE A 172 -4.13 4.82 -8.85
CA ILE A 172 -4.04 4.75 -7.40
C ILE A 172 -4.95 5.81 -6.77
N MET A 173 -5.63 5.44 -5.69
CA MET A 173 -6.33 6.39 -4.84
C MET A 173 -5.80 6.22 -3.42
N CYS A 174 -5.30 7.30 -2.84
CA CYS A 174 -4.55 7.24 -1.59
C CYS A 174 -5.21 8.15 -0.56
N ALA A 175 -5.67 7.57 0.55
CA ALA A 175 -6.16 8.36 1.66
C ALA A 175 -5.07 8.72 2.67
N TRP A 176 -3.91 8.07 2.60
CA TRP A 176 -2.86 8.36 3.57
C TRP A 176 -2.23 9.70 3.20
N ASN A 177 -2.43 10.71 4.05
CA ASN A 177 -1.93 12.07 3.80
C ASN A 177 -1.12 12.51 5.02
N PRO A 178 0.21 12.37 4.98
CA PRO A 178 1.00 12.72 6.16
C PRO A 178 0.81 14.17 6.62
N LYS A 179 0.58 15.10 5.69
CA LYS A 179 0.38 16.50 6.06
C LYS A 179 -0.93 16.69 6.83
N ASP A 180 -2.02 16.05 6.36
CA ASP A 180 -3.31 16.18 7.01
C ASP A 180 -3.52 15.28 8.22
N LEU A 181 -2.67 14.25 8.43
CA LEU A 181 -2.84 13.33 9.55
C LEU A 181 -3.23 13.98 10.88
N PRO A 182 -2.55 15.03 11.37
CA PRO A 182 -2.93 15.61 12.68
C PRO A 182 -4.30 16.29 12.70
N LEU A 183 -4.89 16.57 11.55
CA LEU A 183 -6.22 17.15 11.49
C LEU A 183 -7.33 16.11 11.52
N MET A 184 -7.01 14.82 11.39
CA MET A 184 -8.03 13.78 11.25
C MET A 184 -8.43 13.21 12.60
N ALA A 185 -9.72 12.85 12.71
CA ALA A 185 -10.19 12.18 13.92
C ALA A 185 -9.46 10.87 14.16
N LEU A 186 -9.12 10.15 13.08
CA LEU A 186 -8.41 8.88 13.12
C LEU A 186 -7.51 8.81 11.89
N PRO A 187 -6.35 8.18 11.99
CA PRO A 187 -5.52 8.00 10.79
C PRO A 187 -6.12 6.95 9.89
N PRO A 188 -6.04 7.14 8.57
CA PRO A 188 -6.69 6.22 7.64
C PRO A 188 -6.17 4.79 7.82
N CYS A 189 -7.12 3.86 7.85
CA CYS A 189 -6.82 2.45 7.98
C CYS A 189 -6.65 1.91 6.56
N HIS A 190 -7.74 1.90 5.81
CA HIS A 190 -7.69 1.46 4.41
C HIS A 190 -7.00 2.60 3.66
N ALA A 191 -5.65 2.49 3.57
CA ALA A 191 -4.77 3.64 3.31
C ALA A 191 -4.59 3.95 1.83
N LEU A 192 -4.60 2.94 0.97
CA LEU A 192 -4.27 3.15 -0.42
C LEU A 192 -4.90 2.02 -1.21
N CYS A 193 -5.48 2.32 -2.37
CA CYS A 193 -5.92 1.23 -3.24
C CYS A 193 -5.45 1.50 -4.66
N GLN A 194 -5.33 0.41 -5.42
CA GLN A 194 -4.89 0.45 -6.80
C GLN A 194 -5.84 -0.34 -7.68
N PHE A 195 -6.05 0.12 -8.90
CA PHE A 195 -6.92 -0.56 -9.85
C PHE A 195 -6.10 -1.07 -11.02
N TYR A 196 -6.67 -2.05 -11.72
CA TYR A 196 -5.95 -2.81 -12.72
C TYR A 196 -6.97 -3.36 -13.71
N VAL A 197 -6.64 -3.34 -15.00
CA VAL A 197 -7.55 -3.84 -16.02
C VAL A 197 -6.83 -4.85 -16.90
N VAL A 198 -7.46 -6.02 -17.07
CA VAL A 198 -7.02 -6.95 -18.11
C VAL A 198 -8.22 -7.82 -18.50
N ASN A 199 -8.28 -8.19 -19.78
CA ASN A 199 -9.30 -9.11 -20.24
C ASN A 199 -10.70 -8.57 -19.94
N GLY A 200 -10.85 -7.25 -20.07
CA GLY A 200 -12.12 -6.62 -19.82
C GLY A 200 -12.59 -6.64 -18.38
N GLU A 201 -11.70 -6.95 -17.43
CA GLU A 201 -12.07 -7.09 -16.03
C GLU A 201 -11.31 -6.07 -15.20
N LEU A 202 -12.02 -5.44 -14.27
CA LEU A 202 -11.43 -4.47 -13.36
C LEU A 202 -11.17 -5.13 -12.01
N SER A 203 -9.93 -5.01 -11.53
CA SER A 203 -9.54 -5.51 -10.22
C SER A 203 -9.07 -4.34 -9.36
N CYS A 204 -9.04 -4.58 -8.05
CA CYS A 204 -8.69 -3.56 -7.07
C CYS A 204 -7.87 -4.23 -5.99
N GLN A 205 -6.76 -3.60 -5.59
CA GLN A 205 -6.01 -4.08 -4.44
C GLN A 205 -6.02 -3.01 -3.35
N LEU A 206 -6.34 -3.41 -2.14
CA LEU A 206 -6.35 -2.49 -1.00
C LEU A 206 -5.12 -2.78 -0.15
N TYR A 207 -4.38 -1.73 0.19
CA TYR A 207 -3.38 -1.80 1.25
C TYR A 207 -4.02 -1.31 2.55
N GLN A 208 -4.29 -2.23 3.46
CA GLN A 208 -4.90 -1.91 4.75
C GLN A 208 -3.84 -2.11 5.84
N ARG A 209 -3.49 -1.03 6.53
CA ARG A 209 -2.33 -1.07 7.43
C ARG A 209 -2.61 -1.85 8.70
N SER A 210 -3.87 -2.11 9.01
CA SER A 210 -4.25 -2.60 10.32
C SER A 210 -5.63 -3.23 10.19
N GLY A 211 -5.76 -4.49 10.59
CA GLY A 211 -7.00 -5.19 10.32
C GLY A 211 -7.49 -5.96 11.53
N ASP A 212 -8.62 -5.54 12.09
CA ASP A 212 -9.34 -6.30 13.11
C ASP A 212 -10.00 -7.47 12.39
N MET A 213 -9.43 -8.67 12.51
CA MET A 213 -9.90 -9.79 11.70
C MET A 213 -11.34 -10.13 12.01
N GLY A 214 -11.72 -10.08 13.30
CA GLY A 214 -13.04 -10.56 13.67
C GLY A 214 -14.15 -9.63 13.25
N LEU A 215 -13.96 -8.32 13.42
CA LEU A 215 -15.05 -7.35 13.28
C LEU A 215 -14.85 -6.34 12.17
N GLY A 216 -13.62 -6.01 11.80
CA GLY A 216 -13.40 -4.95 10.83
C GLY A 216 -13.18 -5.45 9.41
N VAL A 217 -12.30 -6.46 9.28
CA VAL A 217 -11.89 -6.92 7.96
C VAL A 217 -13.06 -7.36 7.09
N PRO A 218 -14.06 -8.11 7.58
CA PRO A 218 -15.18 -8.48 6.69
C PRO A 218 -15.89 -7.26 6.11
N PHE A 219 -16.07 -6.23 6.93
CA PHE A 219 -16.65 -4.98 6.46
C PHE A 219 -15.76 -4.33 5.38
N ASN A 220 -14.45 -4.28 5.62
CA ASN A 220 -13.53 -3.70 4.65
C ASN A 220 -13.59 -4.43 3.30
N ILE A 221 -13.68 -5.75 3.33
CA ILE A 221 -13.72 -6.53 2.09
C ILE A 221 -14.96 -6.16 1.29
N ALA A 222 -16.11 -6.12 1.95
CA ALA A 222 -17.36 -5.75 1.29
C ALA A 222 -17.28 -4.33 0.74
N SER A 223 -16.69 -3.40 1.52
CA SER A 223 -16.57 -2.01 1.10
C SER A 223 -15.82 -1.87 -0.23
N TYR A 224 -14.64 -2.49 -0.35
CA TYR A 224 -13.87 -2.29 -1.57
C TYR A 224 -14.35 -3.19 -2.70
N ALA A 225 -14.93 -4.35 -2.40
CA ALA A 225 -15.60 -5.09 -3.47
C ALA A 225 -16.74 -4.28 -4.07
N LEU A 226 -17.50 -3.58 -3.23
CA LEU A 226 -18.58 -2.72 -3.71
C LEU A 226 -18.04 -1.58 -4.57
N LEU A 227 -16.97 -0.91 -4.09
CA LEU A 227 -16.34 0.13 -4.86
C LEU A 227 -15.94 -0.37 -6.24
N THR A 228 -15.38 -1.58 -6.29
CA THR A 228 -14.96 -2.12 -7.59
C THR A 228 -16.17 -2.40 -8.50
N TYR A 229 -17.25 -2.93 -7.94
CA TYR A 229 -18.49 -3.08 -8.70
C TYR A 229 -18.94 -1.73 -9.25
N MET A 230 -18.94 -0.71 -8.40
CA MET A 230 -19.41 0.60 -8.83
C MET A 230 -18.58 1.15 -9.99
N ILE A 231 -17.25 1.08 -9.86
CA ILE A 231 -16.38 1.65 -10.88
C ILE A 231 -16.41 0.79 -12.15
N ALA A 232 -16.50 -0.53 -12.01
CA ALA A 232 -16.66 -1.38 -13.19
C ALA A 232 -17.92 -1.01 -13.97
N HIS A 233 -19.01 -0.76 -13.26
CA HIS A 233 -20.26 -0.35 -13.88
C HIS A 233 -20.12 0.96 -14.65
N ILE A 234 -19.53 1.97 -14.00
CA ILE A 234 -19.31 3.30 -14.61
C ILE A 234 -18.45 3.19 -15.86
N THR A 235 -17.49 2.27 -15.88
CA THR A 235 -16.49 2.20 -16.94
C THR A 235 -16.77 1.09 -17.94
N GLY A 236 -17.90 0.40 -17.82
CA GLY A 236 -18.25 -0.62 -18.80
C GLY A 236 -17.41 -1.86 -18.72
N LEU A 237 -16.84 -2.14 -17.56
CA LEU A 237 -16.06 -3.35 -17.37
C LEU A 237 -16.81 -4.30 -16.46
N GLN A 238 -16.29 -5.53 -16.39
CA GLN A 238 -16.77 -6.55 -15.47
C GLN A 238 -15.85 -6.61 -14.25
N PRO A 239 -16.42 -6.75 -13.07
CA PRO A 239 -15.59 -6.89 -11.86
C PRO A 239 -14.69 -8.11 -11.96
N GLY A 240 -13.43 -7.94 -11.58
CA GLY A 240 -12.46 -9.03 -11.60
C GLY A 240 -12.16 -9.60 -10.22
N ASP A 241 -11.02 -9.20 -9.63
CA ASP A 241 -10.60 -9.64 -8.30
C ASP A 241 -10.55 -8.44 -7.34
N PHE A 242 -10.87 -8.69 -6.07
CA PHE A 242 -10.44 -7.80 -4.99
C PHE A 242 -9.29 -8.48 -4.26
N VAL A 243 -8.12 -7.85 -4.27
CA VAL A 243 -6.93 -8.34 -3.56
C VAL A 243 -6.81 -7.56 -2.26
N HIS A 244 -6.87 -8.26 -1.13
CA HIS A 244 -6.86 -7.65 0.19
C HIS A 244 -5.49 -7.85 0.82
N THR A 245 -4.76 -6.76 1.05
CA THR A 245 -3.41 -6.84 1.61
C THR A 245 -3.42 -6.18 2.98
N LEU A 246 -2.90 -6.88 3.99
CA LEU A 246 -2.89 -6.41 5.37
C LEU A 246 -1.48 -6.14 5.87
N GLY A 247 -1.34 -5.07 6.67
CA GLY A 247 -0.13 -4.84 7.44
C GLY A 247 -0.24 -5.64 8.75
N ASP A 248 -0.66 -4.98 9.83
CA ASP A 248 -0.88 -5.70 11.09
C ASP A 248 -2.25 -6.37 11.05
N ALA A 249 -2.27 -7.67 10.75
CA ALA A 249 -3.50 -8.46 10.82
C ALA A 249 -3.60 -9.06 12.22
N HIS A 250 -4.69 -8.78 12.92
CA HIS A 250 -4.73 -9.17 14.31
C HIS A 250 -6.11 -9.66 14.72
N ILE A 251 -6.10 -10.46 15.78
CA ILE A 251 -7.32 -10.90 16.46
C ILE A 251 -7.23 -10.36 17.88
N TYR A 252 -8.22 -9.58 18.28
CA TYR A 252 -8.24 -9.10 19.65
C TYR A 252 -8.44 -10.28 20.60
N LEU A 253 -7.80 -10.22 21.77
CA LEU A 253 -7.78 -11.38 22.67
C LEU A 253 -9.18 -11.81 23.07
N ASN A 254 -10.14 -10.89 23.13
CA ASN A 254 -11.49 -11.26 23.51
C ASN A 254 -12.34 -11.73 22.32
N HIS A 255 -11.73 -11.94 21.16
CA HIS A 255 -12.42 -12.54 20.01
C HIS A 255 -12.02 -13.99 19.78
N ILE A 256 -11.03 -14.50 20.52
CA ILE A 256 -10.50 -15.84 20.24
C ILE A 256 -11.60 -16.89 20.36
N GLU A 257 -12.35 -16.88 21.47
CA GLU A 257 -13.38 -17.91 21.64
C GLU A 257 -14.51 -17.81 20.62
N PRO A 258 -15.10 -16.63 20.37
CA PRO A 258 -16.11 -16.57 19.30
C PRO A 258 -15.58 -16.98 17.92
N LEU A 259 -14.36 -16.57 17.56
CA LEU A 259 -13.83 -16.94 16.25
C LEU A 259 -13.58 -18.44 16.14
N LYS A 260 -13.12 -19.07 17.24
CA LYS A 260 -12.95 -20.51 17.21
C LYS A 260 -14.26 -21.22 16.91
N ILE A 261 -15.38 -20.67 17.39
CA ILE A 261 -16.70 -21.21 17.04
C ILE A 261 -17.05 -20.91 15.59
N GLN A 262 -16.80 -19.66 15.17
CA GLN A 262 -17.09 -19.28 13.79
C GLN A 262 -16.32 -20.16 12.80
N LEU A 263 -15.08 -20.52 13.13
CA LEU A 263 -14.23 -21.28 12.23
C LEU A 263 -14.73 -22.69 11.95
N GLN A 264 -15.68 -23.19 12.74
CA GLN A 264 -16.27 -24.49 12.48
C GLN A 264 -17.46 -24.44 11.55
N ARG A 265 -17.87 -23.24 11.14
CA ARG A 265 -19.01 -23.09 10.24
C ARG A 265 -18.55 -23.20 8.80
N GLU A 266 -19.36 -23.86 7.98
CA GLU A 266 -19.05 -23.93 6.55
C GLU A 266 -19.65 -22.72 5.84
N PRO A 267 -18.88 -22.01 5.04
CA PRO A 267 -19.43 -20.87 4.30
C PRO A 267 -20.62 -21.30 3.45
N ARG A 268 -21.59 -20.46 3.40
CA ARG A 268 -22.63 -20.60 2.40
C ARG A 268 -22.22 -19.89 1.12
N PRO A 269 -22.70 -20.34 -0.03
CA PRO A 269 -22.37 -19.64 -1.29
C PRO A 269 -22.59 -18.13 -1.16
N PHE A 270 -21.62 -17.37 -1.64
CA PHE A 270 -21.71 -15.92 -1.59
C PHE A 270 -22.97 -15.42 -2.29
N PRO A 271 -23.52 -14.29 -1.84
CA PRO A 271 -24.64 -13.67 -2.55
C PRO A 271 -24.20 -13.06 -3.88
N LYS A 272 -25.16 -12.51 -4.62
CA LYS A 272 -24.86 -11.68 -5.78
C LYS A 272 -25.17 -10.23 -5.44
N LEU A 273 -24.51 -9.32 -6.14
CA LEU A 273 -24.84 -7.91 -6.08
C LEU A 273 -25.39 -7.50 -7.43
N LYS A 274 -26.61 -6.97 -7.43
CA LYS A 274 -27.23 -6.44 -8.64
C LYS A 274 -27.24 -4.91 -8.58
N ILE A 275 -26.91 -4.28 -9.70
CA ILE A 275 -27.11 -2.85 -9.86
C ILE A 275 -28.33 -2.68 -10.75
N LEU A 276 -29.32 -1.96 -10.24
CA LEU A 276 -30.69 -2.04 -10.76
C LEU A 276 -30.96 -1.06 -11.90
N ARG A 277 -30.04 -0.16 -12.22
CA ARG A 277 -30.21 0.72 -13.36
C ARG A 277 -28.84 1.05 -13.93
N LYS A 278 -28.83 1.61 -15.13
CA LYS A 278 -27.58 2.08 -15.71
C LYS A 278 -27.23 3.43 -15.10
N VAL A 279 -26.07 3.52 -14.47
CA VAL A 279 -25.58 4.73 -13.83
C VAL A 279 -24.39 5.24 -14.64
N GLU A 280 -24.33 6.56 -14.84
CA GLU A 280 -23.36 7.17 -15.75
C GLU A 280 -22.13 7.73 -15.06
N THR A 281 -22.28 8.26 -13.86
CA THR A 281 -21.16 8.81 -13.10
C THR A 281 -21.20 8.27 -11.67
N ILE A 282 -20.03 8.25 -11.03
CA ILE A 282 -19.91 7.67 -9.69
C ILE A 282 -20.76 8.44 -8.68
N ASP A 283 -20.96 9.73 -8.91
CA ASP A 283 -21.69 10.56 -7.96
C ASP A 283 -23.19 10.29 -7.97
N ASP A 284 -23.70 9.67 -9.03
CA ASP A 284 -25.13 9.47 -9.21
C ASP A 284 -25.66 8.20 -8.54
N PHE A 285 -24.79 7.30 -8.07
CA PHE A 285 -25.25 6.11 -7.35
C PHE A 285 -26.03 6.52 -6.10
N LYS A 286 -27.13 5.80 -5.83
CA LYS A 286 -27.90 5.92 -4.60
C LYS A 286 -28.19 4.54 -4.03
N VAL A 287 -28.55 4.51 -2.74
CA VAL A 287 -28.79 3.24 -2.03
C VAL A 287 -29.74 2.34 -2.81
N GLU A 288 -30.79 2.91 -3.40
CA GLU A 288 -31.82 2.08 -4.02
C GLU A 288 -31.36 1.45 -5.34
N ASP A 289 -30.18 1.83 -5.85
CA ASP A 289 -29.66 1.20 -7.06
C ASP A 289 -29.05 -0.19 -6.81
N PHE A 290 -28.96 -0.64 -5.57
CA PHE A 290 -28.25 -1.86 -5.22
C PHE A 290 -29.17 -2.86 -4.52
N GLN A 291 -28.99 -4.13 -4.86
CA GLN A 291 -29.71 -5.22 -4.21
C GLN A 291 -28.75 -6.39 -3.98
N ILE A 292 -28.60 -6.81 -2.73
CA ILE A 292 -27.87 -8.03 -2.40
C ILE A 292 -28.85 -9.20 -2.48
N GLU A 293 -28.56 -10.17 -3.34
CA GLU A 293 -29.44 -11.30 -3.58
C GLU A 293 -28.87 -12.57 -2.96
N GLY A 294 -29.70 -13.29 -2.23
CA GLY A 294 -29.27 -14.60 -1.74
C GLY A 294 -28.23 -14.58 -0.65
N TYR A 295 -28.31 -13.63 0.28
CA TYR A 295 -27.38 -13.53 1.39
C TYR A 295 -27.96 -14.25 2.59
N ASN A 296 -27.33 -15.34 3.00
CA ASN A 296 -27.85 -16.18 4.08
C ASN A 296 -26.73 -16.47 5.08
N PRO A 297 -26.32 -15.47 5.86
CA PRO A 297 -25.22 -15.69 6.80
C PRO A 297 -25.65 -16.57 7.97
N HIS A 298 -24.65 -17.20 8.57
CA HIS A 298 -24.88 -17.98 9.78
C HIS A 298 -25.38 -17.07 10.91
N PRO A 299 -26.12 -17.62 11.86
CA PRO A 299 -26.69 -16.78 12.93
C PRO A 299 -25.61 -16.23 13.84
N THR A 300 -25.94 -15.10 14.47
CA THR A 300 -24.93 -14.13 14.90
C THR A 300 -24.08 -14.65 16.06
N ILE A 301 -23.08 -13.86 16.39
CA ILE A 301 -22.04 -14.22 17.37
C ILE A 301 -21.60 -12.97 18.15
N MET A 303 -19.53 -10.63 19.65
CA MET A 303 -18.15 -10.14 19.64
C MET A 303 -18.04 -8.68 20.11
N GLU A 304 -17.17 -8.43 21.08
CA GLU A 304 -16.99 -7.08 21.64
C GLU A 304 -15.99 -6.27 20.81
N MET A 305 -16.31 -5.01 20.59
CA MET A 305 -15.46 -4.14 19.78
C MET A 305 -14.49 -3.34 20.64
N ALA A 306 -13.23 -3.29 20.22
CA ALA A 306 -12.21 -2.50 20.90
C ALA A 306 -12.37 -1.02 20.54
N VAL A 307 -12.01 -0.16 21.50
CA VAL A 307 -12.15 1.29 21.32
C VAL A 307 -10.78 1.98 21.36
N HIS B 22 15.10 -21.96 1.22
CA HIS B 22 15.82 -20.77 0.78
C HIS B 22 14.82 -19.67 0.38
N GLY B 23 15.04 -18.45 0.89
CA GLY B 23 14.12 -17.36 0.66
C GLY B 23 14.02 -16.90 -0.79
N GLU B 24 15.06 -17.15 -1.59
CA GLU B 24 15.01 -16.77 -2.99
C GLU B 24 13.99 -17.59 -3.76
N LEU B 25 13.60 -18.75 -3.23
CA LEU B 25 12.59 -19.56 -3.89
C LEU B 25 11.26 -18.82 -3.97
N GLN B 26 11.01 -17.91 -3.02
CA GLN B 26 9.81 -17.07 -3.09
C GLN B 26 9.79 -16.24 -4.36
N TYR B 27 10.90 -15.57 -4.65
CA TYR B 27 11.00 -14.78 -5.88
C TYR B 27 10.91 -15.68 -7.11
N LEU B 28 11.64 -16.80 -7.13
CA LEU B 28 11.63 -17.66 -8.30
C LEU B 28 10.23 -18.23 -8.54
N ARG B 29 9.50 -18.56 -7.47
CA ARG B 29 8.15 -19.07 -7.64
C ARG B 29 7.20 -17.99 -8.15
N GLN B 30 7.43 -16.72 -7.79
CA GLN B 30 6.61 -15.66 -8.38
C GLN B 30 6.86 -15.52 -9.87
N VAL B 31 8.14 -15.59 -10.28
CA VAL B 31 8.46 -15.53 -11.70
C VAL B 31 7.76 -16.67 -12.43
N GLU B 32 7.92 -17.90 -11.92
CA GLU B 32 7.28 -19.07 -12.52
C GLU B 32 5.76 -18.90 -12.60
N HIS B 33 5.13 -18.36 -11.54
CA HIS B 33 3.69 -18.17 -11.56
C HIS B 33 3.26 -17.20 -12.65
N ILE B 34 4.01 -16.12 -12.85
CA ILE B 34 3.67 -15.17 -13.90
C ILE B 34 3.88 -15.81 -15.27
N LEU B 35 4.97 -16.56 -15.44
CA LEU B 35 5.21 -17.23 -16.72
C LEU B 35 4.11 -18.23 -17.06
N ARG B 36 3.55 -18.89 -16.04
CA ARG B 36 2.57 -19.95 -16.19
C ARG B 36 1.14 -19.43 -16.24
N CYS B 37 0.85 -18.38 -15.47
CA CYS B 37 -0.52 -17.96 -15.22
C CYS B 37 -0.81 -16.50 -15.52
N GLY B 38 0.19 -15.67 -15.75
CA GLY B 38 -0.07 -14.28 -16.03
C GLY B 38 -0.74 -14.10 -17.38
N PHE B 39 -1.41 -12.96 -17.52
CA PHE B 39 -2.08 -12.62 -18.76
C PHE B 39 -1.20 -11.70 -19.60
N LYS B 40 -1.37 -11.78 -20.91
CA LYS B 40 -0.72 -10.81 -21.76
C LYS B 40 -1.37 -9.45 -21.53
N LYS B 41 -0.53 -8.43 -21.37
CA LYS B 41 -1.03 -7.09 -21.10
C LYS B 41 -0.06 -6.11 -21.74
N GLU B 42 -0.57 -5.27 -22.65
CA GLU B 42 0.27 -4.23 -23.22
C GLU B 42 0.65 -3.24 -22.12
N ASP B 43 1.65 -2.40 -22.41
CA ASP B 43 2.09 -1.48 -21.37
C ASP B 43 2.60 -0.18 -21.97
N ARG B 44 2.83 0.79 -21.08
CA ARG B 44 3.32 2.11 -21.43
C ARG B 44 4.48 2.06 -22.42
N THR B 45 5.43 1.14 -22.20
CA THR B 45 6.66 1.11 -22.98
C THR B 45 6.50 0.53 -24.37
N GLY B 46 5.38 -0.12 -24.68
CA GLY B 46 5.23 -0.81 -25.94
C GLY B 46 5.87 -2.18 -26.02
N THR B 47 6.58 -2.61 -24.97
CA THR B 47 7.17 -3.95 -24.97
C THR B 47 6.12 -5.06 -24.85
N GLY B 48 5.10 -4.85 -24.03
CA GLY B 48 4.18 -5.92 -23.71
C GLY B 48 4.72 -6.82 -22.60
N THR B 49 3.81 -7.35 -21.79
CA THR B 49 4.16 -8.10 -20.59
C THR B 49 3.29 -9.33 -20.44
N LEU B 50 3.76 -10.26 -19.61
CA LEU B 50 2.92 -11.22 -18.90
C LEU B 50 2.73 -10.68 -17.48
N SER B 51 1.49 -10.66 -16.99
CA SER B 51 1.16 -9.85 -15.83
C SER B 51 0.18 -10.56 -14.89
N VAL B 52 0.48 -10.46 -13.59
CA VAL B 52 -0.42 -10.88 -12.51
C VAL B 52 -0.65 -9.66 -11.61
N PHE B 53 -1.89 -9.43 -11.19
CA PHE B 53 -2.19 -8.32 -10.30
C PHE B 53 -2.31 -8.84 -8.87
N GLY B 54 -1.41 -8.39 -7.99
CA GLY B 54 -1.51 -8.76 -6.59
C GLY B 54 -0.66 -9.96 -6.27
N MET B 55 0.51 -9.74 -5.68
CA MET B 55 1.37 -10.84 -5.23
C MET B 55 2.00 -10.41 -3.92
N GLN B 56 2.47 -11.39 -3.14
CA GLN B 56 3.14 -11.07 -1.89
C GLN B 56 4.20 -12.14 -1.62
N ALA B 57 5.38 -11.70 -1.18
CA ALA B 57 6.44 -12.60 -0.76
C ALA B 57 7.01 -12.10 0.57
N ARG B 58 7.53 -13.02 1.38
CA ARG B 58 8.16 -12.68 2.65
C ARG B 58 9.62 -13.12 2.63
N TYR B 59 10.53 -12.19 2.94
CA TYR B 59 11.97 -12.48 2.96
C TYR B 59 12.46 -12.27 4.39
N SER B 60 12.95 -13.34 5.00
CA SER B 60 13.53 -13.23 6.33
C SER B 60 14.80 -12.39 6.27
N LEU B 61 14.95 -11.48 7.23
CA LEU B 61 16.16 -10.69 7.40
C LEU B 61 16.98 -11.14 8.60
N ARG B 62 16.64 -12.29 9.19
CA ARG B 62 17.27 -12.77 10.42
C ARG B 62 18.56 -13.51 10.07
N ASP B 63 19.70 -12.89 10.34
CA ASP B 63 21.03 -13.47 10.15
C ASP B 63 21.35 -13.75 8.69
N GLU B 64 20.72 -13.03 7.76
CA GLU B 64 21.06 -13.11 6.35
C GLU B 64 20.43 -11.92 5.65
N PHE B 65 20.88 -11.65 4.43
CA PHE B 65 20.41 -10.51 3.67
C PHE B 65 19.96 -10.97 2.29
N PRO B 66 18.71 -10.66 1.87
CA PRO B 66 18.14 -11.21 0.62
C PRO B 66 18.62 -10.48 -0.64
N LEU B 67 19.92 -10.56 -0.91
CA LEU B 67 20.51 -10.13 -2.17
C LEU B 67 20.52 -11.35 -3.09
N LEU B 68 19.71 -11.31 -4.16
CA LEU B 68 19.46 -12.53 -4.94
C LEU B 68 20.74 -13.08 -5.58
N THR B 69 20.79 -14.40 -5.70
CA THR B 69 21.99 -15.10 -6.13
C THR B 69 21.89 -15.72 -7.52
N THR B 70 20.67 -16.04 -7.98
CA THR B 70 20.55 -16.62 -9.31
C THR B 70 20.85 -15.61 -10.40
N LYS B 71 21.06 -14.35 -10.05
CA LYS B 71 21.49 -13.29 -10.95
C LYS B 71 22.04 -12.16 -10.09
N ARG B 72 23.18 -11.61 -10.48
CA ARG B 72 23.85 -10.59 -9.67
C ARG B 72 23.00 -9.33 -9.59
N VAL B 73 22.84 -8.80 -8.37
CA VAL B 73 22.17 -7.53 -8.17
C VAL B 73 23.22 -6.44 -8.02
N PHE B 74 22.94 -5.27 -8.62
CA PHE B 74 23.81 -4.10 -8.55
C PHE B 74 23.83 -3.49 -7.14
N TRP B 75 24.49 -4.15 -6.19
CA TRP B 75 24.41 -3.72 -4.79
C TRP B 75 24.93 -2.29 -4.59
N LYS B 76 25.96 -1.88 -5.34
CA LYS B 76 26.46 -0.51 -5.19
C LYS B 76 25.37 0.50 -5.52
N GLY B 77 24.55 0.23 -6.54
CA GLY B 77 23.47 1.13 -6.85
C GLY B 77 22.40 1.14 -5.77
N VAL B 78 22.11 -0.04 -5.20
CA VAL B 78 21.13 -0.13 -4.11
C VAL B 78 21.53 0.76 -2.95
N LEU B 79 22.77 0.58 -2.47
CA LEU B 79 23.25 1.31 -1.31
C LEU B 79 23.32 2.81 -1.59
N GLU B 80 23.93 3.21 -2.71
CA GLU B 80 24.07 4.63 -2.96
C GLU B 80 22.72 5.30 -3.22
N GLU B 81 21.81 4.59 -3.91
CA GLU B 81 20.49 5.20 -4.13
C GLU B 81 19.78 5.45 -2.81
N LEU B 82 19.84 4.48 -1.90
CA LEU B 82 19.17 4.64 -0.61
C LEU B 82 19.77 5.81 0.16
N LEU B 83 21.12 5.89 0.22
CA LEU B 83 21.73 7.01 0.94
C LEU B 83 21.33 8.34 0.32
N TRP B 84 21.13 8.34 -0.99
CA TRP B 84 20.70 9.53 -1.71
C TRP B 84 19.25 9.88 -1.36
N PHE B 85 18.37 8.86 -1.27
CA PHE B 85 17.01 9.08 -0.75
C PHE B 85 17.05 9.73 0.62
N ILE B 86 17.88 9.19 1.51
CA ILE B 86 17.85 9.56 2.92
C ILE B 86 18.26 11.02 3.11
N LYS B 87 19.24 11.51 2.35
CA LYS B 87 19.58 12.91 2.49
C LYS B 87 18.62 13.84 1.74
N GLY B 88 17.54 13.30 1.18
CA GLY B 88 16.50 14.11 0.59
C GLY B 88 16.78 14.68 -0.79
N SER B 89 17.78 14.16 -1.48
CA SER B 89 18.17 14.72 -2.77
C SER B 89 17.16 14.38 -3.86
N THR B 90 16.89 15.35 -4.73
CA THR B 90 16.13 15.12 -5.96
C THR B 90 16.98 15.43 -7.20
N ASN B 91 18.30 15.36 -7.06
CA ASN B 91 19.25 15.74 -8.12
C ASN B 91 19.94 14.48 -8.60
N ALA B 92 19.63 14.05 -9.83
CA ALA B 92 20.25 12.83 -10.35
C ALA B 92 21.76 12.96 -10.47
N LYS B 93 22.29 14.19 -10.57
CA LYS B 93 23.74 14.37 -10.66
C LYS B 93 24.45 13.98 -9.37
N GLU B 94 23.79 14.15 -8.21
CA GLU B 94 24.40 13.76 -6.94
C GLU B 94 24.55 12.25 -6.82
N LEU B 95 23.62 11.51 -7.41
CA LEU B 95 23.77 10.06 -7.46
C LEU B 95 24.77 9.64 -8.51
N SER B 96 24.71 10.26 -9.69
CA SER B 96 25.62 9.95 -10.79
C SER B 96 27.08 10.10 -10.37
N SER B 97 27.38 11.17 -9.63
CA SER B 97 28.75 11.40 -9.18
C SER B 97 29.28 10.26 -8.30
N LYS B 98 28.39 9.44 -7.77
CA LYS B 98 28.80 8.22 -7.10
C LYS B 98 29.03 7.07 -8.08
N GLY B 99 28.91 7.32 -9.37
CA GLY B 99 29.03 6.23 -10.33
C GLY B 99 27.81 5.36 -10.41
N VAL B 100 26.62 5.91 -10.12
CA VAL B 100 25.35 5.19 -10.17
C VAL B 100 24.44 6.02 -11.06
N ARG B 101 24.16 5.51 -12.27
CA ARG B 101 23.56 6.32 -13.32
C ARG B 101 22.08 6.03 -13.54
N ILE B 102 21.44 5.29 -12.63
CA ILE B 102 20.10 4.75 -12.86
C ILE B 102 19.05 5.85 -13.01
N TRP B 103 19.27 7.03 -12.43
CA TRP B 103 18.32 8.12 -12.56
C TRP B 103 18.67 9.13 -13.65
N ASP B 104 19.82 8.97 -14.31
CA ASP B 104 20.33 10.04 -15.16
C ASP B 104 19.41 10.34 -16.35
N ALA B 105 18.89 9.30 -17.00
CA ALA B 105 18.00 9.50 -18.15
C ALA B 105 16.77 10.31 -17.78
N ASN B 106 16.19 10.05 -16.60
CA ASN B 106 14.98 10.78 -16.21
C ASN B 106 15.26 12.23 -15.81
N GLY B 107 16.52 12.58 -15.55
CA GLY B 107 16.90 13.95 -15.33
C GLY B 107 17.49 14.65 -16.54
N SER B 108 17.61 13.95 -17.67
CA SER B 108 18.19 14.52 -18.87
C SER B 108 17.29 15.60 -19.48
N ARG B 109 17.90 16.49 -20.25
CA ARG B 109 17.17 17.58 -20.88
C ARG B 109 16.01 17.07 -21.74
N ASP B 110 16.31 16.11 -22.61
CA ASP B 110 15.31 15.54 -23.50
C ASP B 110 14.07 15.07 -22.74
N PHE B 111 14.29 14.22 -21.74
CA PHE B 111 13.19 13.69 -20.93
C PHE B 111 12.42 14.79 -20.21
N LEU B 112 13.15 15.78 -19.70
CA LEU B 112 12.54 16.89 -18.97
C LEU B 112 11.70 17.77 -19.90
N ASP B 113 12.12 17.90 -21.15
CA ASP B 113 11.41 18.71 -22.13
C ASP B 113 10.13 18.02 -22.61
N SER B 114 10.12 16.69 -22.55
CA SER B 114 8.97 15.92 -22.98
C SER B 114 7.83 15.99 -21.97
N LEU B 115 8.19 16.21 -20.71
CA LEU B 115 7.20 16.30 -19.64
C LEU B 115 6.68 17.72 -19.47
N GLY B 116 7.37 18.67 -20.08
CA GLY B 116 6.99 20.07 -20.00
C GLY B 116 7.85 20.85 -19.02
N PHE B 117 8.97 20.26 -18.61
CA PHE B 117 9.87 20.90 -17.67
C PHE B 117 11.10 21.46 -18.38
N SER B 118 10.90 22.52 -19.16
CA SER B 118 12.00 23.15 -19.90
C SER B 118 12.71 24.19 -19.05
N ALA B 119 12.06 24.62 -17.98
CA ALA B 119 12.64 25.62 -17.09
C ALA B 119 13.53 24.96 -16.03
N ARG B 120 13.39 23.65 -15.87
CA ARG B 120 14.17 22.90 -14.91
C ARG B 120 15.52 22.49 -15.49
N GLN B 121 16.58 22.65 -14.69
CA GLN B 121 17.91 22.30 -15.14
C GLN B 121 18.10 20.80 -15.12
N GLU B 122 19.07 20.34 -15.90
CA GLU B 122 19.36 18.92 -16.00
C GLU B 122 19.66 18.33 -14.63
N GLY B 123 19.04 17.19 -14.35
CA GLY B 123 19.20 16.49 -13.09
C GLY B 123 18.05 16.67 -12.13
N ASP B 124 17.22 17.69 -12.33
CA ASP B 124 16.15 18.04 -11.39
C ASP B 124 14.96 17.12 -11.62
N LEU B 125 14.80 16.14 -10.75
CA LEU B 125 13.76 15.14 -10.91
C LEU B 125 12.41 15.59 -10.37
N GLY B 126 12.33 16.77 -9.78
CA GLY B 126 11.13 17.19 -9.10
C GLY B 126 11.00 16.48 -7.76
N PRO B 127 9.83 16.55 -7.17
CA PRO B 127 9.72 16.08 -5.77
C PRO B 127 9.46 14.58 -5.66
N VAL B 128 10.48 13.80 -6.01
CA VAL B 128 10.37 12.34 -5.97
C VAL B 128 10.76 11.84 -4.58
N TYR B 129 11.10 10.55 -4.44
CA TYR B 129 11.16 9.87 -3.14
C TYR B 129 11.83 10.69 -2.05
N GLY B 130 13.09 11.09 -2.26
CA GLY B 130 13.83 11.76 -1.20
C GLY B 130 13.12 12.97 -0.63
N PHE B 131 12.48 13.76 -1.50
CA PHE B 131 11.71 14.91 -1.06
C PHE B 131 10.48 14.49 -0.28
N GLN B 132 9.75 13.48 -0.76
CA GLN B 132 8.54 13.07 -0.06
C GLN B 132 8.87 12.45 1.29
N TRP B 133 9.96 11.66 1.36
CA TRP B 133 10.33 11.01 2.60
C TRP B 133 10.70 12.01 3.69
N ARG B 134 11.36 13.10 3.32
CA ARG B 134 11.86 14.04 4.33
C ARG B 134 11.06 15.33 4.41
N HIS B 135 10.22 15.66 3.42
CA HIS B 135 9.59 16.97 3.36
C HIS B 135 8.18 16.88 2.79
N PHE B 136 7.43 15.84 3.13
CA PHE B 136 6.09 15.67 2.54
C PHE B 136 5.23 16.90 2.79
N GLY B 137 4.63 17.42 1.73
CA GLY B 137 3.73 18.54 1.82
C GLY B 137 4.38 19.89 1.65
N ALA B 138 5.70 19.97 1.68
CA ALA B 138 6.40 21.23 1.42
C ALA B 138 6.23 21.63 -0.04
N GLU B 139 6.35 22.93 -0.29
CA GLU B 139 6.28 23.44 -1.66
C GLU B 139 7.61 23.18 -2.35
N TYR B 140 7.59 22.42 -3.44
CA TYR B 140 8.81 22.17 -4.18
C TYR B 140 9.14 23.37 -5.07
N LYS B 141 10.41 23.77 -5.07
CA LYS B 141 10.84 24.83 -5.97
C LYS B 141 11.78 24.24 -7.01
N ASP B 142 13.03 23.97 -6.65
CA ASP B 142 13.90 23.17 -7.50
C ASP B 142 14.82 22.35 -6.62
N MET B 143 15.71 21.59 -7.26
CA MET B 143 16.56 20.64 -6.55
C MET B 143 17.63 21.31 -5.69
N ASP B 144 17.90 22.60 -5.92
CA ASP B 144 18.92 23.30 -5.14
C ASP B 144 18.36 24.01 -3.92
N SER B 145 17.04 24.03 -3.75
CA SER B 145 16.45 24.81 -2.66
C SER B 145 16.77 24.19 -1.31
N ASP B 146 16.72 25.05 -0.28
CA ASP B 146 16.89 24.64 1.11
C ASP B 146 15.50 24.32 1.67
N TYR B 147 15.23 23.03 1.90
CA TYR B 147 13.96 22.59 2.46
C TYR B 147 14.05 22.23 3.94
N SER B 148 15.11 22.67 4.62
CA SER B 148 15.30 22.40 6.04
C SER B 148 14.05 22.74 6.83
N GLY B 149 13.59 21.79 7.64
CA GLY B 149 12.43 21.98 8.49
C GLY B 149 11.09 22.08 7.79
N GLN B 150 11.04 22.03 6.46
CA GLN B 150 9.78 22.16 5.74
C GLN B 150 9.14 20.81 5.50
N GLY B 151 7.82 20.74 5.66
CA GLY B 151 7.06 19.51 5.42
C GLY B 151 7.25 18.47 6.50
N VAL B 152 6.68 17.29 6.25
CA VAL B 152 6.71 16.22 7.23
C VAL B 152 7.92 15.34 6.96
N ASP B 153 8.79 15.20 7.95
CA ASP B 153 9.93 14.29 7.88
C ASP B 153 9.41 12.91 8.28
N GLN B 154 8.86 12.20 7.28
CA GLN B 154 8.30 10.87 7.55
C GLN B 154 9.34 9.90 8.03
N LEU B 155 10.56 9.98 7.48
CA LEU B 155 11.61 9.04 7.86
C LEU B 155 11.95 9.16 9.34
N GLN B 156 12.16 10.39 9.82
CA GLN B 156 12.48 10.54 11.25
C GLN B 156 11.29 10.19 12.11
N LYS B 157 10.09 10.53 11.65
CA LYS B 157 8.86 10.18 12.38
C LYS B 157 8.75 8.67 12.57
N VAL B 158 9.07 7.90 11.52
CA VAL B 158 9.03 6.45 11.63
C VAL B 158 10.02 5.97 12.71
N ILE B 159 11.23 6.51 12.69
CA ILE B 159 12.25 6.10 13.65
C ILE B 159 11.82 6.46 15.07
N ASP B 160 11.33 7.69 15.26
CA ASP B 160 10.89 8.11 16.59
C ASP B 160 9.81 7.19 17.12
N THR B 161 8.78 6.93 16.29
CA THR B 161 7.68 6.08 16.72
C THR B 161 8.15 4.68 17.06
N ILE B 162 9.07 4.12 16.25
CA ILE B 162 9.60 2.80 16.57
C ILE B 162 10.22 2.82 17.97
N LYS B 163 10.99 3.86 18.28
CA LYS B 163 11.62 3.98 19.59
C LYS B 163 10.58 4.12 20.70
N THR B 164 9.60 5.01 20.54
CA THR B 164 8.74 5.36 21.66
C THR B 164 7.49 4.50 21.77
N ASN B 165 6.97 3.97 20.66
CA ASN B 165 5.71 3.22 20.68
C ASN B 165 5.79 2.12 19.63
N PRO B 166 6.63 1.09 19.86
CA PRO B 166 6.84 0.08 18.82
C PRO B 166 5.57 -0.69 18.44
N ASP B 167 4.55 -0.69 19.30
CA ASP B 167 3.31 -1.39 18.97
C ASP B 167 2.47 -0.64 17.94
N ASP B 168 2.85 0.59 17.59
CA ASP B 168 2.00 1.44 16.76
C ASP B 168 1.71 0.76 15.41
N ARG B 169 0.45 0.80 14.99
CA ARG B 169 0.02 0.16 13.75
C ARG B 169 -0.09 1.16 12.60
N ARG B 170 0.52 2.35 12.75
CA ARG B 170 0.45 3.45 11.79
C ARG B 170 1.84 3.91 11.38
N ILE B 171 2.85 3.04 11.45
CA ILE B 171 4.24 3.46 11.19
C ILE B 171 4.47 3.36 9.69
N ILE B 172 4.17 4.45 8.99
CA ILE B 172 4.09 4.48 7.53
C ILE B 172 4.95 5.61 6.97
N MET B 173 5.66 5.31 5.88
CA MET B 173 6.33 6.31 5.07
C MET B 173 5.76 6.19 3.67
N CYS B 174 5.24 7.29 3.13
CA CYS B 174 4.47 7.27 1.90
C CYS B 174 5.10 8.22 0.88
N ALA B 175 5.52 7.68 -0.26
CA ALA B 175 6.03 8.56 -1.31
C ALA B 175 4.97 8.95 -2.31
N TRP B 176 3.84 8.24 -2.35
CA TRP B 176 2.77 8.59 -3.27
C TRP B 176 2.11 9.89 -2.81
N ASN B 177 2.19 10.94 -3.62
CA ASN B 177 1.66 12.26 -3.24
C ASN B 177 0.85 12.78 -4.42
N PRO B 178 -0.48 12.60 -4.40
CA PRO B 178 -1.29 13.02 -5.56
C PRO B 178 -1.11 14.49 -5.92
N LYS B 179 -0.89 15.36 -4.95
CA LYS B 179 -0.72 16.78 -5.26
C LYS B 179 0.56 17.02 -6.07
N ASP B 180 1.66 16.36 -5.69
CA ASP B 180 2.97 16.56 -6.33
C ASP B 180 3.20 15.71 -7.55
N LEU B 181 2.34 14.71 -7.82
CA LEU B 181 2.53 13.82 -8.96
C LEU B 181 2.85 14.54 -10.27
N PRO B 182 2.14 15.59 -10.68
CA PRO B 182 2.46 16.23 -11.97
C PRO B 182 3.84 16.88 -12.01
N LEU B 183 4.48 17.13 -10.86
CA LEU B 183 5.79 17.74 -10.82
C LEU B 183 6.92 16.72 -10.88
N MET B 184 6.63 15.44 -10.68
CA MET B 184 7.68 14.44 -10.58
C MET B 184 8.11 13.97 -11.96
N ALA B 185 9.38 13.58 -12.05
CA ALA B 185 9.87 12.98 -13.30
C ALA B 185 9.19 11.66 -13.60
N LEU B 186 8.81 10.91 -12.55
CA LEU B 186 8.17 9.62 -12.66
C LEU B 186 7.24 9.46 -11.48
N PRO B 187 6.10 8.80 -11.63
CA PRO B 187 5.25 8.54 -10.48
C PRO B 187 5.87 7.46 -9.60
N PRO B 188 5.86 7.64 -8.28
CA PRO B 188 6.55 6.70 -7.38
C PRO B 188 6.10 5.27 -7.61
N CYS B 189 7.07 4.39 -7.75
CA CYS B 189 6.82 2.98 -7.95
C CYS B 189 6.77 2.24 -6.63
N HIS B 190 7.78 2.42 -5.77
CA HIS B 190 7.71 1.89 -4.42
C HIS B 190 6.96 2.96 -3.60
N ALA B 191 5.65 2.78 -3.47
CA ALA B 191 4.71 3.87 -3.17
C ALA B 191 4.51 4.14 -1.69
N LEU B 192 4.59 3.11 -0.86
CA LEU B 192 4.31 3.24 0.56
C LEU B 192 4.98 2.08 1.27
N CYS B 193 5.52 2.31 2.47
CA CYS B 193 5.98 1.20 3.27
C CYS B 193 5.49 1.37 4.70
N GLN B 194 5.37 0.24 5.39
CA GLN B 194 4.94 0.21 6.78
C GLN B 194 5.93 -0.60 7.60
N PHE B 195 6.19 -0.14 8.83
CA PHE B 195 7.05 -0.85 9.76
C PHE B 195 6.21 -1.44 10.89
N TYR B 196 6.77 -2.44 11.56
CA TYR B 196 6.06 -3.25 12.54
C TYR B 196 7.09 -3.85 13.49
N VAL B 197 6.77 -3.90 14.78
CA VAL B 197 7.70 -4.43 15.77
C VAL B 197 6.99 -5.49 16.61
N VAL B 198 7.63 -6.64 16.76
CA VAL B 198 7.20 -7.63 17.73
C VAL B 198 8.40 -8.45 18.15
N ASN B 199 8.44 -8.82 19.42
CA ASN B 199 9.51 -9.65 19.97
C ASN B 199 10.89 -9.09 19.62
N GLY B 200 11.04 -7.78 19.75
CA GLY B 200 12.30 -7.13 19.47
C GLY B 200 12.76 -7.18 18.03
N GLU B 201 11.86 -7.48 17.08
CA GLU B 201 12.23 -7.59 15.68
C GLU B 201 11.48 -6.54 14.86
N LEU B 202 12.19 -5.87 13.95
CA LEU B 202 11.62 -4.85 13.08
C LEU B 202 11.35 -5.47 11.71
N SER B 203 10.09 -5.38 11.27
CA SER B 203 9.72 -5.80 9.94
C SER B 203 9.29 -4.60 9.12
N CYS B 204 9.27 -4.78 7.79
CA CYS B 204 8.89 -3.75 6.85
C CYS B 204 8.06 -4.39 5.75
N GLN B 205 6.95 -3.75 5.38
CA GLN B 205 6.20 -4.17 4.19
C GLN B 205 6.19 -3.03 3.19
N LEU B 206 6.53 -3.33 1.94
CA LEU B 206 6.47 -2.35 0.86
C LEU B 206 5.26 -2.64 0.00
N TYR B 207 4.51 -1.60 -0.35
CA TYR B 207 3.51 -1.69 -1.40
C TYR B 207 4.14 -1.11 -2.68
N GLN B 208 4.44 -1.99 -3.62
CA GLN B 208 5.08 -1.59 -4.88
C GLN B 208 4.03 -1.75 -5.98
N ARG B 209 3.60 -0.63 -6.58
CA ARG B 209 2.46 -0.64 -7.50
C ARG B 209 2.74 -1.41 -8.79
N SER B 210 4.01 -1.57 -9.15
CA SER B 210 4.37 -2.04 -10.49
C SER B 210 5.76 -2.64 -10.38
N GLY B 211 5.91 -3.90 -10.75
CA GLY B 211 7.18 -4.55 -10.54
C GLY B 211 7.67 -5.24 -11.79
N ASP B 212 8.81 -4.77 -12.32
CA ASP B 212 9.54 -5.45 -13.39
C ASP B 212 10.30 -6.60 -12.75
N MET B 213 9.76 -7.82 -12.90
CA MET B 213 10.28 -8.98 -12.18
C MET B 213 11.70 -9.31 -12.59
N GLY B 214 12.03 -9.12 -13.87
CA GLY B 214 13.35 -9.49 -14.32
C GLY B 214 14.44 -8.59 -13.76
N LEU B 215 14.27 -7.27 -13.93
CA LEU B 215 15.33 -6.31 -13.66
C LEU B 215 15.09 -5.42 -12.46
N GLY B 216 13.84 -5.10 -12.13
CA GLY B 216 13.57 -4.12 -11.07
C GLY B 216 13.42 -4.72 -9.68
N VAL B 217 12.56 -5.72 -9.59
CA VAL B 217 12.18 -6.30 -8.30
C VAL B 217 13.37 -6.75 -7.47
N PRO B 218 14.38 -7.45 -8.02
CA PRO B 218 15.51 -7.85 -7.15
C PRO B 218 16.20 -6.66 -6.49
N PHE B 219 16.27 -5.55 -7.21
CA PHE B 219 16.86 -4.32 -6.68
C PHE B 219 15.98 -3.72 -5.58
N ASN B 220 14.66 -3.68 -5.82
CA ASN B 220 13.70 -3.21 -4.82
C ASN B 220 13.79 -4.01 -3.53
N ILE B 221 13.88 -5.35 -3.63
CA ILE B 221 13.98 -6.18 -2.43
C ILE B 221 15.21 -5.79 -1.63
N ALA B 222 16.36 -5.70 -2.28
CA ALA B 222 17.60 -5.33 -1.57
C ALA B 222 17.48 -3.96 -0.94
N SER B 223 16.86 -3.02 -1.66
CA SER B 223 16.77 -1.65 -1.18
C SER B 223 16.00 -1.56 0.13
N TYR B 224 14.83 -2.19 0.19
CA TYR B 224 14.03 -2.09 1.41
C TYR B 224 14.52 -3.04 2.48
N ALA B 225 15.14 -4.17 2.12
CA ALA B 225 15.83 -4.96 3.14
C ALA B 225 16.95 -4.14 3.79
N LEU B 226 17.68 -3.37 2.98
CA LEU B 226 18.73 -2.50 3.51
C LEU B 226 18.16 -1.42 4.41
N LEU B 227 17.09 -0.75 3.96
CA LEU B 227 16.46 0.28 4.79
C LEU B 227 16.06 -0.30 6.15
N THR B 228 15.53 -1.53 6.16
CA THR B 228 15.12 -2.15 7.42
C THR B 228 16.32 -2.44 8.32
N TYR B 229 17.45 -2.86 7.72
CA TYR B 229 18.66 -3.07 8.52
C TYR B 229 19.12 -1.77 9.15
N MET B 230 19.05 -0.67 8.40
CA MET B 230 19.50 0.63 8.92
C MET B 230 18.63 1.07 10.09
N ILE B 231 17.31 0.99 9.94
CA ILE B 231 16.43 1.48 11.00
C ILE B 231 16.50 0.58 12.22
N ALA B 232 16.63 -0.73 12.02
CA ALA B 232 16.80 -1.64 13.14
C ALA B 232 18.07 -1.28 13.93
N HIS B 233 19.15 -0.98 13.20
CA HIS B 233 20.40 -0.61 13.85
C HIS B 233 20.24 0.68 14.66
N ILE B 234 19.62 1.69 14.06
CA ILE B 234 19.34 2.96 14.74
C ILE B 234 18.46 2.76 15.97
N THR B 235 17.52 1.81 15.93
CA THR B 235 16.53 1.69 16.99
C THR B 235 16.84 0.57 17.98
N GLY B 236 17.98 -0.11 17.83
CA GLY B 236 18.33 -1.16 18.77
C GLY B 236 17.55 -2.43 18.61
N LEU B 237 16.96 -2.66 17.45
CA LEU B 237 16.16 -3.85 17.19
C LEU B 237 16.91 -4.76 16.22
N GLN B 238 16.41 -5.98 16.10
CA GLN B 238 16.89 -6.99 15.16
C GLN B 238 16.01 -6.99 13.90
N PRO B 239 16.61 -7.09 12.71
CA PRO B 239 15.78 -7.20 11.49
C PRO B 239 14.88 -8.43 11.55
N GLY B 240 13.63 -8.26 11.13
CA GLY B 240 12.68 -9.36 11.14
C GLY B 240 12.39 -9.87 9.74
N ASP B 241 11.26 -9.46 9.16
CA ASP B 241 10.86 -9.81 7.81
C ASP B 241 10.81 -8.58 6.92
N PHE B 242 11.11 -8.76 5.64
CA PHE B 242 10.69 -7.81 4.62
C PHE B 242 9.55 -8.45 3.85
N VAL B 243 8.36 -7.86 3.93
CA VAL B 243 7.20 -8.35 3.18
C VAL B 243 7.06 -7.49 1.92
N HIS B 244 7.12 -8.13 0.76
CA HIS B 244 7.10 -7.43 -0.51
C HIS B 244 5.75 -7.65 -1.17
N THR B 245 4.99 -6.58 -1.34
CA THR B 245 3.65 -6.65 -1.92
C THR B 245 3.66 -5.93 -3.26
N LEU B 246 3.11 -6.57 -4.29
CA LEU B 246 3.11 -6.04 -5.65
C LEU B 246 1.69 -5.79 -6.12
N GLY B 247 1.53 -4.71 -6.91
CA GLY B 247 0.33 -4.50 -7.72
C GLY B 247 0.47 -5.21 -9.06
N ASP B 248 0.84 -4.49 -10.13
CA ASP B 248 1.10 -5.15 -11.41
C ASP B 248 2.51 -5.77 -11.38
N ALA B 249 2.54 -7.08 -11.15
CA ALA B 249 3.76 -7.87 -11.18
C ALA B 249 3.92 -8.45 -12.58
N HIS B 250 4.99 -8.07 -13.30
CA HIS B 250 5.02 -8.39 -14.72
C HIS B 250 6.40 -8.81 -15.17
N ILE B 251 6.40 -9.61 -16.24
CA ILE B 251 7.59 -10.01 -16.97
C ILE B 251 7.49 -9.42 -18.37
N TYR B 252 8.45 -8.57 -18.73
CA TYR B 252 8.44 -8.04 -20.09
C TYR B 252 8.69 -9.19 -21.07
N LEU B 253 8.05 -9.10 -22.25
CA LEU B 253 8.08 -10.24 -23.17
C LEU B 253 9.49 -10.56 -23.65
N ASN B 254 10.38 -9.57 -23.71
CA ASN B 254 11.76 -9.87 -24.08
C ASN B 254 12.62 -10.31 -22.90
N HIS B 255 12.02 -10.54 -21.73
CA HIS B 255 12.73 -11.14 -20.61
C HIS B 255 12.43 -12.61 -20.42
N ILE B 256 11.48 -13.16 -21.19
CA ILE B 256 10.99 -14.51 -20.91
C ILE B 256 12.11 -15.53 -21.03
N GLU B 257 12.85 -15.50 -22.16
CA GLU B 257 13.92 -16.46 -22.34
C GLU B 257 15.06 -16.27 -21.34
N PRO B 258 15.55 -15.05 -21.07
CA PRO B 258 16.56 -14.91 -20.00
C PRO B 258 16.10 -15.43 -18.66
N LEU B 259 14.85 -15.17 -18.26
CA LEU B 259 14.38 -15.63 -16.96
C LEU B 259 14.23 -17.13 -16.91
N LYS B 260 13.85 -17.76 -18.03
CA LYS B 260 13.77 -19.21 -18.06
C LYS B 260 15.14 -19.85 -17.83
N ILE B 261 16.21 -19.19 -18.29
CA ILE B 261 17.56 -19.64 -17.94
C ILE B 261 17.78 -19.50 -16.43
N GLN B 262 17.44 -18.32 -15.88
CA GLN B 262 17.69 -18.06 -14.47
C GLN B 262 16.98 -19.06 -13.57
N LEU B 263 15.79 -19.52 -13.97
CA LEU B 263 14.98 -20.38 -13.12
C LEU B 263 15.58 -21.77 -12.94
N GLN B 264 16.50 -22.17 -13.81
CA GLN B 264 17.17 -23.45 -13.67
C GLN B 264 18.39 -23.40 -12.75
N ARG B 265 18.77 -22.20 -12.31
CA ARG B 265 19.93 -22.04 -11.43
C ARG B 265 19.55 -22.31 -9.99
N GLU B 266 20.36 -23.08 -9.30
CA GLU B 266 20.12 -23.31 -7.89
C GLU B 266 20.59 -22.09 -7.10
N PRO B 267 19.78 -21.59 -6.17
CA PRO B 267 20.24 -20.44 -5.36
C PRO B 267 21.35 -20.85 -4.41
N ARG B 268 22.32 -19.96 -4.26
CA ARG B 268 23.35 -20.10 -3.23
C ARG B 268 22.89 -19.42 -1.94
N PRO B 269 23.41 -19.85 -0.79
CA PRO B 269 22.98 -19.24 0.47
C PRO B 269 23.14 -17.72 0.44
N PHE B 270 22.16 -17.02 0.97
CA PHE B 270 22.16 -15.56 0.96
C PHE B 270 23.32 -14.96 1.75
N PRO B 271 23.94 -13.90 1.22
CA PRO B 271 25.04 -13.26 1.94
C PRO B 271 24.59 -12.69 3.27
N LYS B 272 25.52 -12.18 4.08
CA LYS B 272 25.18 -11.45 5.28
C LYS B 272 25.50 -9.98 5.09
N LEU B 273 24.75 -9.12 5.75
CA LEU B 273 25.04 -7.69 5.75
C LEU B 273 25.62 -7.32 7.11
N LYS B 274 26.79 -6.70 7.11
CA LYS B 274 27.42 -6.24 8.34
C LYS B 274 27.48 -4.72 8.34
N ILE B 275 27.11 -4.13 9.47
CA ILE B 275 27.26 -2.69 9.68
C ILE B 275 28.50 -2.50 10.55
N LEU B 276 29.43 -1.68 10.07
CA LEU B 276 30.81 -1.71 10.54
C LEU B 276 31.10 -0.76 11.70
N ARG B 277 30.10 -0.04 12.19
CA ARG B 277 30.28 0.80 13.36
C ARG B 277 28.91 1.12 13.91
N LYS B 278 28.89 1.58 15.17
CA LYS B 278 27.63 2.00 15.78
C LYS B 278 27.27 3.38 15.23
N VAL B 279 26.12 3.47 14.58
CA VAL B 279 25.63 4.71 13.99
C VAL B 279 24.42 5.16 14.78
N GLU B 280 24.35 6.46 15.08
CA GLU B 280 23.33 6.97 16.00
C GLU B 280 22.12 7.54 15.30
N THR B 281 22.26 8.15 14.12
CA THR B 281 21.13 8.71 13.39
C THR B 281 21.14 8.21 11.95
N ILE B 282 19.95 8.20 11.33
CA ILE B 282 19.86 7.67 9.97
C ILE B 282 20.66 8.52 8.99
N ASP B 283 20.78 9.82 9.24
CA ASP B 283 21.52 10.67 8.32
C ASP B 283 23.03 10.47 8.39
N ASP B 284 23.55 9.72 9.37
CA ASP B 284 24.98 9.54 9.57
C ASP B 284 25.55 8.29 8.91
N PHE B 285 24.70 7.41 8.35
CA PHE B 285 25.23 6.28 7.61
C PHE B 285 25.99 6.76 6.39
N LYS B 286 27.08 6.05 6.07
CA LYS B 286 27.85 6.28 4.85
C LYS B 286 28.15 4.94 4.20
N VAL B 287 28.55 5.00 2.93
CA VAL B 287 28.83 3.78 2.16
C VAL B 287 29.79 2.88 2.89
N GLU B 288 30.81 3.48 3.53
CA GLU B 288 31.87 2.72 4.17
C GLU B 288 31.37 1.92 5.36
N ASP B 289 30.19 2.23 5.90
CA ASP B 289 29.70 1.53 7.07
C ASP B 289 29.13 0.16 6.76
N PHE B 290 29.07 -0.23 5.48
CA PHE B 290 28.35 -1.42 5.07
C PHE B 290 29.27 -2.39 4.34
N GLN B 291 29.15 -3.67 4.69
CA GLN B 291 29.94 -4.72 4.06
C GLN B 291 29.04 -5.93 3.80
N ILE B 292 28.95 -6.33 2.54
CA ILE B 292 28.26 -7.57 2.17
C ILE B 292 29.29 -8.71 2.19
N GLU B 293 29.02 -9.74 2.99
CA GLU B 293 29.92 -10.88 3.11
C GLU B 293 29.28 -12.14 2.55
N GLY B 294 30.01 -12.83 1.68
CA GLY B 294 29.59 -14.13 1.20
C GLY B 294 28.62 -14.10 0.04
N TYR B 295 28.71 -13.08 -0.80
CA TYR B 295 27.82 -12.93 -1.95
C TYR B 295 28.48 -13.58 -3.15
N ASN B 296 28.00 -14.79 -3.51
CA ASN B 296 28.50 -15.55 -4.65
C ASN B 296 27.35 -15.78 -5.62
N PRO B 297 26.98 -14.78 -6.41
CA PRO B 297 25.89 -14.95 -7.37
C PRO B 297 26.34 -15.71 -8.61
N HIS B 298 25.34 -16.24 -9.30
CA HIS B 298 25.55 -16.74 -10.65
C HIS B 298 25.85 -15.59 -11.58
N PRO B 299 26.48 -15.85 -12.73
CA PRO B 299 26.79 -14.77 -13.67
C PRO B 299 25.54 -14.02 -14.10
N THR B 300 25.71 -12.71 -14.30
CA THR B 300 24.61 -11.88 -14.77
C THR B 300 24.16 -12.32 -16.16
N ILE B 301 23.00 -11.81 -16.58
CA ILE B 301 22.39 -12.25 -17.83
C ILE B 301 22.16 -11.09 -18.79
N MET B 303 19.67 -9.16 -20.11
CA MET B 303 18.28 -8.72 -20.03
C MET B 303 18.14 -7.24 -20.40
N GLU B 304 17.29 -6.95 -21.38
CA GLU B 304 17.16 -5.61 -21.94
C GLU B 304 16.13 -4.79 -21.17
N MET B 305 16.42 -3.49 -21.01
CA MET B 305 15.68 -2.60 -20.12
C MET B 305 14.61 -1.83 -20.87
N ALA B 306 13.37 -1.93 -20.38
CA ALA B 306 12.24 -1.20 -20.97
C ALA B 306 12.35 0.29 -20.70
N VAL B 307 11.87 1.09 -21.65
CA VAL B 307 11.98 2.54 -21.55
C VAL B 307 10.61 3.20 -21.51
#